data_6HMC
#
_entry.id   6HMC
#
_cell.length_a   46.300
_cell.length_b   47.300
_cell.length_c   50.320
_cell.angle_alpha   113.44
_cell.angle_beta   90.38
_cell.angle_gamma   90.67
#
_symmetry.space_group_name_H-M   'P 1'
#
loop_
_entity.id
_entity.type
_entity.pdbx_description
1 polymer "Casein kinase II subunit alpha'"
2 non-polymer 1,2-ETHANEDIOL
3 non-polymer 5-propan-2-yl-4-prop-2-enoxy-7,8-dihydro-6~{H}-indeno[1,2-b]indole-9,10-dione
4 water water
#
_entity_poly.entity_id   1
_entity_poly.type   'polypeptide(L)'
_entity_poly.pdbx_seq_one_letter_code
;MGSSHHHHHHSQDPMPGPAAGSRARVYAEVNSLRSREYWDYEAHVPSWGNQDDYQLVRKLGRGKYSEVFEAINITNNERV
VVKILKPVKKKKIKREVKILENLRGGTNIIKLIDTVKDPVSKTPALVFEYINNTDFKQLYQILTDFDIRFYMYELLKALD
YCHSKGIMHRDVKPHNVMIDHQQKKLRLIDWGLAEFYHPAQEYNVRVASRYFKGPELLVDYQMYDYSLDMWSLGCMLASM
IFRREPFFHGQDNYDQLVRIAKVLGTEELYGYLKKYHIDLDPHFNDILGQHSRKRWENFIHSENRHLVSPEALDLLDKLL
RYDHQQRLTAKEAMEHPYFYPVVKEQSQPSADNAVLSSGLTAAR
;
_entity_poly.pdbx_strand_id   A
#
# COMPACT_ATOMS: atom_id res chain seq x y z
N GLY A 21 -16.06 9.65 16.26
CA GLY A 21 -15.62 8.88 15.12
C GLY A 21 -14.44 9.50 14.38
N SER A 22 -14.33 9.20 13.10
CA SER A 22 -13.18 9.61 12.30
C SER A 22 -13.58 9.60 10.83
N ARG A 23 -13.00 10.52 10.05
CA ARG A 23 -13.23 10.59 8.62
C ARG A 23 -11.93 10.99 7.93
N ALA A 24 -11.76 10.54 6.69
CA ALA A 24 -10.66 10.98 5.86
C ALA A 24 -10.69 12.49 5.67
N ARG A 25 -9.51 13.12 5.64
CA ARG A 25 -9.42 14.54 5.37
C ARG A 25 -9.53 14.87 3.88
N VAL A 26 -9.39 13.88 3.02
CA VAL A 26 -9.45 14.05 1.59
C VAL A 26 -10.32 12.92 1.02
N TYR A 27 -10.98 13.23 -0.08
CA TYR A 27 -11.70 12.22 -0.85
CA TYR A 27 -11.76 12.25 -0.85
C TYR A 27 -12.76 11.51 0.01
N ALA A 28 -13.28 12.20 1.03
CA ALA A 28 -14.16 11.51 1.96
C ALA A 28 -15.45 11.13 1.31
N GLU A 29 -16.00 12.02 0.48
CA GLU A 29 -17.33 11.83 -0.09
C GLU A 29 -17.30 11.39 -1.54
N VAL A 30 -16.11 11.10 -2.08
N VAL A 30 -16.14 11.04 -2.07
CA VAL A 30 -16.01 10.86 -3.53
CA VAL A 30 -16.07 10.92 -3.52
C VAL A 30 -16.98 9.77 -3.96
C VAL A 30 -16.85 9.71 -4.04
N ASN A 31 -17.00 8.65 -3.24
CA ASN A 31 -17.87 7.56 -3.69
C ASN A 31 -19.34 7.93 -3.58
N SER A 32 -19.75 8.63 -2.52
N SER A 32 -19.70 8.64 -2.51
CA SER A 32 -21.16 8.98 -2.42
CA SER A 32 -21.09 9.07 -2.33
C SER A 32 -21.57 10.00 -3.49
C SER A 32 -21.53 9.95 -3.49
N LEU A 33 -20.62 10.74 -4.05
CA LEU A 33 -20.90 11.68 -5.11
C LEU A 33 -20.88 11.04 -6.49
N ARG A 34 -20.51 9.77 -6.60
CA ARG A 34 -20.53 9.05 -7.85
C ARG A 34 -21.78 8.18 -7.93
N SER A 35 -22.06 7.70 -9.14
CA SER A 35 -23.13 6.73 -9.35
C SER A 35 -22.90 5.51 -8.47
N ARG A 36 -23.99 4.97 -7.93
CA ARG A 36 -23.86 3.78 -7.11
C ARG A 36 -23.13 2.67 -7.83
N GLU A 37 -23.34 2.54 -9.15
CA GLU A 37 -22.66 1.46 -9.83
C GLU A 37 -21.15 1.55 -9.77
N TYR A 38 -20.59 2.73 -9.50
CA TYR A 38 -19.14 2.86 -9.37
C TYR A 38 -18.60 2.01 -8.22
N TRP A 39 -19.28 2.03 -7.08
CA TRP A 39 -18.78 1.41 -5.87
C TRP A 39 -19.53 0.14 -5.48
N ASP A 40 -20.68 -0.14 -6.08
CA ASP A 40 -21.47 -1.32 -5.74
C ASP A 40 -20.94 -2.51 -6.54
N TYR A 41 -19.78 -2.99 -6.11
CA TYR A 41 -19.07 -4.02 -6.87
C TYR A 41 -19.83 -5.34 -6.89
N GLU A 42 -20.66 -5.61 -5.89
CA GLU A 42 -21.41 -6.86 -5.91
C GLU A 42 -22.37 -6.92 -7.10
N ALA A 43 -22.78 -5.76 -7.61
CA ALA A 43 -23.65 -5.66 -8.76
C ALA A 43 -22.90 -5.63 -10.08
N HIS A 44 -21.57 -5.62 -10.05
CA HIS A 44 -20.80 -5.54 -11.27
C HIS A 44 -20.83 -6.86 -12.01
N VAL A 45 -20.96 -6.79 -13.33
CA VAL A 45 -20.95 -7.96 -14.19
C VAL A 45 -19.76 -7.85 -15.13
N PRO A 46 -18.65 -8.50 -14.83
CA PRO A 46 -17.49 -8.44 -15.72
C PRO A 46 -17.81 -9.10 -17.07
N SER A 47 -17.04 -8.70 -18.08
CA SER A 47 -17.02 -9.39 -19.37
C SER A 47 -15.81 -10.31 -19.38
N TRP A 48 -16.05 -11.62 -19.34
CA TRP A 48 -14.98 -12.60 -19.22
C TRP A 48 -14.57 -13.08 -20.61
N GLY A 49 -13.34 -12.74 -21.00
CA GLY A 49 -12.74 -13.20 -22.24
C GLY A 49 -12.16 -14.61 -22.09
N ASN A 50 -11.44 -15.03 -23.12
CA ASN A 50 -11.04 -16.43 -23.26
C ASN A 50 -9.57 -16.59 -22.86
N GLN A 51 -9.33 -17.36 -21.80
CA GLN A 51 -7.96 -17.60 -21.36
C GLN A 51 -7.15 -18.40 -22.37
N ASP A 52 -7.81 -19.08 -23.32
CA ASP A 52 -7.08 -19.89 -24.29
C ASP A 52 -6.14 -19.07 -25.17
N ASP A 53 -6.29 -17.74 -25.19
CA ASP A 53 -5.35 -16.90 -25.92
C ASP A 53 -3.99 -16.79 -25.24
N TYR A 54 -3.82 -17.31 -24.03
CA TYR A 54 -2.60 -17.12 -23.27
C TYR A 54 -1.87 -18.44 -23.05
N GLN A 55 -0.56 -18.39 -23.22
CA GLN A 55 0.35 -19.50 -22.94
C GLN A 55 1.13 -19.16 -21.68
N LEU A 56 1.00 -19.98 -20.64
CA LEU A 56 1.79 -19.78 -19.43
C LEU A 56 3.23 -20.20 -19.66
N VAL A 57 4.16 -19.35 -19.22
N VAL A 57 4.18 -19.39 -19.20
CA VAL A 57 5.58 -19.52 -19.45
CA VAL A 57 5.59 -19.68 -19.46
C VAL A 57 6.31 -19.95 -18.18
C VAL A 57 6.42 -19.88 -18.19
N ARG A 58 6.02 -19.29 -17.07
CA ARG A 58 6.74 -19.56 -15.82
C ARG A 58 5.91 -19.06 -14.65
N LYS A 59 6.02 -19.74 -13.54
CA LYS A 59 5.36 -19.32 -12.31
C LYS A 59 6.17 -18.20 -11.67
N LEU A 60 5.50 -17.10 -11.32
CA LEU A 60 6.15 -15.99 -10.65
C LEU A 60 5.91 -15.96 -9.15
N GLY A 61 4.78 -16.49 -8.67
CA GLY A 61 4.47 -16.45 -7.25
C GLY A 61 3.10 -17.03 -6.99
N ARG A 62 2.78 -17.19 -5.71
CA ARG A 62 1.52 -17.78 -5.28
C ARG A 62 1.03 -17.04 -4.04
N GLY A 63 -0.17 -16.47 -4.12
CA GLY A 63 -0.77 -15.77 -3.01
C GLY A 63 -1.78 -16.64 -2.27
N LYS A 64 -2.39 -16.06 -1.23
CA LYS A 64 -3.39 -16.80 -0.48
C LYS A 64 -4.54 -17.23 -1.38
N TYR A 65 -4.90 -16.40 -2.36
CA TYR A 65 -6.06 -16.66 -3.21
C TYR A 65 -5.73 -16.62 -4.68
N SER A 66 -4.45 -16.69 -5.06
CA SER A 66 -4.11 -16.65 -6.47
C SER A 66 -2.76 -17.30 -6.69
N GLU A 67 -2.53 -17.66 -7.95
CA GLU A 67 -1.20 -17.98 -8.43
C GLU A 67 -0.94 -17.14 -9.66
N VAL A 68 0.31 -16.74 -9.80
CA VAL A 68 0.67 -15.74 -10.79
C VAL A 68 1.74 -16.31 -11.71
N PHE A 69 1.51 -16.15 -13.01
CA PHE A 69 2.37 -16.68 -14.05
C PHE A 69 2.78 -15.58 -15.02
N GLU A 70 4.01 -15.62 -15.47
CA GLU A 70 4.37 -14.95 -16.71
C GLU A 70 3.75 -15.73 -17.87
N ALA A 71 3.26 -15.02 -18.88
CA ALA A 71 2.56 -15.65 -19.98
C ALA A 71 2.80 -14.85 -21.25
N ILE A 72 2.42 -15.45 -22.37
CA ILE A 72 2.44 -14.79 -23.67
C ILE A 72 1.06 -14.91 -24.28
N ASN A 73 0.54 -13.80 -24.79
CA ASN A 73 -0.67 -13.83 -25.60
C ASN A 73 -0.30 -14.37 -26.97
N ILE A 74 -0.79 -15.55 -27.32
CA ILE A 74 -0.39 -16.22 -28.55
C ILE A 74 -0.91 -15.51 -29.78
N THR A 75 -1.91 -14.64 -29.62
CA THR A 75 -2.46 -13.94 -30.78
C THR A 75 -1.62 -12.74 -31.21
N ASN A 76 -0.83 -12.15 -30.31
CA ASN A 76 -0.06 -10.95 -30.62
C ASN A 76 1.33 -10.96 -30.02
N ASN A 77 1.73 -12.03 -29.34
CA ASN A 77 3.06 -12.18 -28.75
C ASN A 77 3.33 -11.22 -27.60
N GLU A 78 2.31 -10.61 -27.01
CA GLU A 78 2.55 -9.74 -25.87
C GLU A 78 2.89 -10.58 -24.64
N ARG A 79 3.95 -10.21 -23.93
CA ARG A 79 4.27 -10.81 -22.64
C ARG A 79 3.43 -10.13 -21.58
N VAL A 80 2.78 -10.92 -20.74
CA VAL A 80 1.82 -10.45 -19.76
C VAL A 80 2.03 -11.26 -18.49
N VAL A 81 1.25 -10.92 -17.46
CA VAL A 81 1.18 -11.69 -16.24
C VAL A 81 -0.26 -12.12 -16.05
N VAL A 82 -0.47 -13.41 -15.77
CA VAL A 82 -1.80 -13.98 -15.55
C VAL A 82 -1.92 -14.37 -14.09
N LYS A 83 -2.92 -13.81 -13.42
CA LYS A 83 -3.22 -14.09 -12.03
C LYS A 83 -4.46 -14.97 -11.99
N ILE A 84 -4.28 -16.25 -11.71
CA ILE A 84 -5.37 -17.22 -11.69
C ILE A 84 -5.96 -17.22 -10.30
N LEU A 85 -7.25 -16.91 -10.21
CA LEU A 85 -7.89 -16.70 -8.92
C LEU A 85 -8.41 -18.03 -8.40
N LYS A 86 -7.99 -18.36 -7.18
CA LYS A 86 -8.41 -19.57 -6.54
C LYS A 86 -9.86 -19.41 -6.10
N PRO A 87 -10.55 -20.52 -5.82
CA PRO A 87 -11.96 -20.39 -5.41
C PRO A 87 -12.03 -19.48 -4.20
N VAL A 88 -12.95 -18.53 -4.26
CA VAL A 88 -13.21 -17.63 -3.14
C VAL A 88 -14.63 -17.16 -3.38
N LYS A 89 -15.19 -16.41 -2.44
CA LYS A 89 -16.45 -15.75 -2.73
C LYS A 89 -16.28 -15.01 -4.04
N LYS A 90 -17.22 -15.22 -4.97
CA LYS A 90 -17.21 -14.40 -6.17
C LYS A 90 -17.32 -12.92 -5.80
N LYS A 91 -17.72 -12.61 -4.57
CA LYS A 91 -17.82 -11.22 -4.15
C LYS A 91 -16.45 -10.56 -4.13
N LYS A 92 -15.43 -11.27 -3.63
CA LYS A 92 -14.07 -10.75 -3.58
C LYS A 92 -13.50 -10.58 -4.99
N ILE A 93 -13.87 -11.48 -5.91
CA ILE A 93 -13.43 -11.35 -7.29
C ILE A 93 -14.05 -10.11 -7.93
N LYS A 94 -15.37 -9.92 -7.76
CA LYS A 94 -16.01 -8.73 -8.29
C LYS A 94 -15.39 -7.47 -7.73
N ARG A 95 -15.02 -7.48 -6.44
CA ARG A 95 -14.42 -6.30 -5.82
C ARG A 95 -13.11 -5.94 -6.51
N GLU A 96 -12.21 -6.92 -6.66
CA GLU A 96 -10.92 -6.65 -7.28
C GLU A 96 -11.10 -6.20 -8.74
N VAL A 97 -11.99 -6.87 -9.47
CA VAL A 97 -12.21 -6.51 -10.87
C VAL A 97 -12.76 -5.10 -10.99
N LYS A 98 -13.79 -4.76 -10.20
CA LYS A 98 -14.39 -3.44 -10.32
C LYS A 98 -13.39 -2.36 -9.92
N ILE A 99 -12.62 -2.60 -8.86
CA ILE A 99 -11.59 -1.64 -8.45
C ILE A 99 -10.60 -1.41 -9.57
N LEU A 100 -10.12 -2.49 -10.19
CA LEU A 100 -9.15 -2.34 -11.28
C LEU A 100 -9.75 -1.60 -12.47
N GLU A 101 -11.01 -1.88 -12.80
CA GLU A 101 -11.63 -1.15 -13.87
CA GLU A 101 -11.71 -1.14 -13.86
C GLU A 101 -11.76 0.34 -13.53
N ASN A 102 -12.11 0.67 -12.29
CA ASN A 102 -12.23 2.06 -11.89
C ASN A 102 -10.88 2.77 -11.93
N LEU A 103 -9.80 2.02 -11.72
CA LEU A 103 -8.46 2.58 -11.69
C LEU A 103 -7.80 2.62 -13.07
N ARG A 104 -8.52 2.24 -14.12
CA ARG A 104 -7.95 2.16 -15.47
C ARG A 104 -7.30 3.48 -15.87
N GLY A 105 -6.07 3.39 -16.36
CA GLY A 105 -5.31 4.56 -16.73
C GLY A 105 -4.58 5.24 -15.60
N GLY A 106 -4.77 4.82 -14.36
CA GLY A 106 -4.16 5.50 -13.23
C GLY A 106 -2.65 5.37 -13.24
N THR A 107 -1.98 6.45 -12.86
CA THR A 107 -0.53 6.50 -12.95
C THR A 107 0.11 5.51 -12.00
N ASN A 108 0.94 4.63 -12.55
CA ASN A 108 1.71 3.65 -11.79
C ASN A 108 0.86 2.62 -11.10
N ILE A 109 -0.39 2.48 -11.49
CA ILE A 109 -1.21 1.34 -11.06
C ILE A 109 -1.06 0.26 -12.11
N ILE A 110 -0.86 -0.98 -11.68
CA ILE A 110 -0.70 -2.06 -12.63
C ILE A 110 -1.85 -2.04 -13.62
N LYS A 111 -1.52 -2.17 -14.90
CA LYS A 111 -2.55 -2.13 -15.94
C LYS A 111 -3.23 -3.49 -16.08
N LEU A 112 -4.54 -3.52 -15.88
CA LEU A 112 -5.36 -4.69 -16.18
C LEU A 112 -5.64 -4.69 -17.68
N ILE A 113 -5.11 -5.69 -18.35
CA ILE A 113 -5.32 -5.87 -19.79
C ILE A 113 -6.66 -6.55 -20.06
N ASP A 114 -7.00 -7.58 -19.30
CA ASP A 114 -8.28 -8.26 -19.55
C ASP A 114 -8.64 -9.10 -18.34
N THR A 115 -9.93 -9.43 -18.30
CA THR A 115 -10.52 -10.37 -17.35
C THR A 115 -10.95 -11.58 -18.17
N VAL A 116 -10.39 -12.76 -17.86
CA VAL A 116 -10.62 -13.94 -18.69
C VAL A 116 -11.01 -15.13 -17.83
N LYS A 117 -11.56 -16.15 -18.47
CA LYS A 117 -11.86 -17.42 -17.83
C LYS A 117 -11.36 -18.56 -18.69
N ASP A 118 -10.92 -19.62 -18.04
CA ASP A 118 -10.83 -20.93 -18.69
C ASP A 118 -12.23 -21.22 -19.24
N PRO A 119 -12.38 -21.43 -20.56
CA PRO A 119 -13.73 -21.51 -21.13
C PRO A 119 -14.49 -22.78 -20.76
N VAL A 120 -13.81 -23.75 -20.14
CA VAL A 120 -14.46 -24.99 -19.70
C VAL A 120 -14.73 -24.92 -18.21
N SER A 121 -13.69 -24.70 -17.40
CA SER A 121 -13.87 -24.70 -15.96
C SER A 121 -14.52 -23.42 -15.46
N LYS A 122 -14.44 -22.34 -16.22
CA LYS A 122 -14.91 -21.02 -15.83
C LYS A 122 -14.10 -20.42 -14.70
N THR A 123 -12.93 -20.97 -14.38
CA THR A 123 -12.07 -20.35 -13.37
C THR A 123 -11.63 -18.99 -13.89
N PRO A 124 -11.79 -17.93 -13.11
CA PRO A 124 -11.40 -16.61 -13.57
C PRO A 124 -9.93 -16.29 -13.36
N ALA A 125 -9.42 -15.41 -14.23
CA ALA A 125 -8.05 -14.94 -14.15
C ALA A 125 -7.98 -13.50 -14.60
N LEU A 126 -6.99 -12.78 -14.08
CA LEU A 126 -6.75 -11.39 -14.45
C LEU A 126 -5.46 -11.31 -15.22
N VAL A 127 -5.46 -10.60 -16.33
CA VAL A 127 -4.29 -10.45 -17.18
C VAL A 127 -3.76 -9.04 -16.99
N PHE A 128 -2.50 -8.93 -16.58
CA PHE A 128 -1.86 -7.65 -16.30
C PHE A 128 -0.68 -7.43 -17.24
N GLU A 129 -0.30 -6.17 -17.39
CA GLU A 129 0.95 -5.87 -18.07
C GLU A 129 2.11 -6.50 -17.33
N TYR A 130 3.13 -6.88 -18.08
CA TYR A 130 4.35 -7.40 -17.52
C TYR A 130 5.26 -6.28 -17.04
N ILE A 131 5.91 -6.51 -15.90
N ILE A 131 5.97 -6.51 -15.94
CA ILE A 131 6.98 -5.65 -15.36
CA ILE A 131 7.03 -5.61 -15.53
C ILE A 131 8.16 -6.57 -15.03
C ILE A 131 8.16 -6.45 -14.96
N ASN A 132 9.37 -6.13 -15.38
CA ASN A 132 10.59 -6.88 -15.05
C ASN A 132 11.12 -6.42 -13.70
N ASN A 133 10.61 -7.03 -12.63
CA ASN A 133 10.86 -6.60 -11.25
C ASN A 133 12.27 -6.98 -10.78
N THR A 134 12.91 -6.04 -10.11
CA THR A 134 14.15 -6.28 -9.39
C THR A 134 13.76 -6.56 -7.95
N ASP A 135 14.13 -7.73 -7.45
CA ASP A 135 13.65 -8.08 -6.12
C ASP A 135 14.11 -7.06 -5.11
N PHE A 136 13.21 -6.73 -4.21
CA PHE A 136 13.42 -5.57 -3.37
C PHE A 136 14.55 -5.78 -2.37
N LYS A 137 14.79 -7.01 -1.92
CA LYS A 137 15.80 -7.21 -0.89
C LYS A 137 17.17 -6.71 -1.34
N GLN A 138 17.58 -7.05 -2.56
CA GLN A 138 18.86 -6.54 -3.05
C GLN A 138 18.76 -5.08 -3.45
N LEU A 139 17.66 -4.70 -4.10
CA LEU A 139 17.52 -3.33 -4.61
C LEU A 139 17.66 -2.31 -3.48
N TYR A 140 17.00 -2.57 -2.34
CA TYR A 140 16.89 -1.53 -1.33
C TYR A 140 18.20 -1.29 -0.60
N GLN A 141 19.22 -2.10 -0.84
CA GLN A 141 20.55 -1.86 -0.31
C GLN A 141 21.44 -1.07 -1.26
N ILE A 142 20.98 -0.78 -2.49
CA ILE A 142 21.84 -0.12 -3.47
C ILE A 142 21.22 1.14 -4.05
N LEU A 143 20.06 1.54 -3.53
CA LEU A 143 19.44 2.77 -4.01
C LEU A 143 20.25 4.00 -3.61
N THR A 144 20.29 4.99 -4.50
CA THR A 144 20.85 6.30 -4.17
C THR A 144 19.77 7.17 -3.52
N ASP A 145 20.20 8.31 -2.97
CA ASP A 145 19.25 9.28 -2.43
C ASP A 145 18.22 9.68 -3.48
N PHE A 146 18.67 10.02 -4.69
CA PHE A 146 17.73 10.39 -5.73
C PHE A 146 16.80 9.22 -6.08
N ASP A 147 17.33 7.99 -6.16
CA ASP A 147 16.48 6.83 -6.45
C ASP A 147 15.33 6.73 -5.47
N ILE A 148 15.62 6.88 -4.17
CA ILE A 148 14.57 6.74 -3.16
C ILE A 148 13.51 7.81 -3.35
N ARG A 149 13.94 9.06 -3.55
CA ARG A 149 12.99 10.13 -3.81
C ARG A 149 12.15 9.81 -5.04
N PHE A 150 12.81 9.34 -6.09
CA PHE A 150 12.13 9.05 -7.35
C PHE A 150 11.09 7.95 -7.16
N TYR A 151 11.48 6.80 -6.59
CA TYR A 151 10.53 5.71 -6.47
C TYR A 151 9.42 6.01 -5.48
N MET A 152 9.73 6.70 -4.38
CA MET A 152 8.66 7.08 -3.46
C MET A 152 7.67 8.04 -4.12
N TYR A 153 8.17 8.94 -4.95
CA TYR A 153 7.27 9.85 -5.67
C TYR A 153 6.39 9.09 -6.64
N GLU A 154 6.97 8.13 -7.37
CA GLU A 154 6.19 7.31 -8.29
C GLU A 154 5.12 6.51 -7.55
N LEU A 155 5.46 5.93 -6.41
CA LEU A 155 4.48 5.19 -5.62
C LEU A 155 3.38 6.10 -5.10
N LEU A 156 3.76 7.30 -4.65
CA LEU A 156 2.76 8.27 -4.20
C LEU A 156 1.79 8.64 -5.32
N LYS A 157 2.26 8.70 -6.57
CA LYS A 157 1.31 8.97 -7.66
C LYS A 157 0.23 7.92 -7.70
N ALA A 158 0.60 6.65 -7.50
CA ALA A 158 -0.38 5.57 -7.52
C ALA A 158 -1.35 5.67 -6.37
N LEU A 159 -0.85 5.99 -5.18
CA LEU A 159 -1.71 6.10 -4.02
C LEU A 159 -2.61 7.32 -4.11
N ASP A 160 -2.09 8.47 -4.50
CA ASP A 160 -2.98 9.61 -4.66
C ASP A 160 -4.05 9.30 -5.70
N TYR A 161 -3.68 8.59 -6.76
CA TYR A 161 -4.68 8.25 -7.77
C TYR A 161 -5.76 7.34 -7.17
N CYS A 162 -5.38 6.24 -6.53
CA CYS A 162 -6.43 5.35 -6.04
C CYS A 162 -7.25 6.00 -4.94
N HIS A 163 -6.63 6.73 -4.03
CA HIS A 163 -7.38 7.46 -3.01
C HIS A 163 -8.37 8.42 -3.67
N SER A 164 -7.94 9.12 -4.71
CA SER A 164 -8.81 10.06 -5.40
C SER A 164 -9.99 9.36 -6.05
N LYS A 165 -9.81 8.07 -6.37
CA LYS A 165 -10.84 7.22 -6.93
C LYS A 165 -11.60 6.48 -5.83
N GLY A 166 -11.45 6.90 -4.59
CA GLY A 166 -12.25 6.37 -3.51
C GLY A 166 -11.84 5.00 -3.02
N ILE A 167 -10.58 4.61 -3.25
CA ILE A 167 -10.12 3.27 -2.99
C ILE A 167 -8.89 3.29 -2.09
N MET A 168 -8.94 2.44 -1.05
CA MET A 168 -7.80 2.16 -0.17
C MET A 168 -7.15 0.87 -0.67
N HIS A 169 -5.82 0.86 -0.80
CA HIS A 169 -5.16 -0.36 -1.25
C HIS A 169 -5.13 -1.43 -0.15
N ARG A 170 -4.71 -1.04 1.04
CA ARG A 170 -4.73 -1.85 2.25
C ARG A 170 -3.69 -2.96 2.27
N ASP A 171 -2.74 -2.97 1.35
CA ASP A 171 -1.67 -3.97 1.39
C ASP A 171 -0.41 -3.42 0.75
N VAL A 172 -0.09 -2.16 1.06
CA VAL A 172 1.13 -1.56 0.53
C VAL A 172 2.33 -2.16 1.26
N LYS A 173 3.29 -2.67 0.50
CA LYS A 173 4.50 -3.30 1.02
C LYS A 173 5.43 -3.53 -0.17
N PRO A 174 6.72 -3.77 0.08
CA PRO A 174 7.65 -3.96 -1.05
C PRO A 174 7.23 -5.07 -2.00
N HIS A 175 6.68 -6.17 -1.49
CA HIS A 175 6.28 -7.26 -2.36
C HIS A 175 5.17 -6.87 -3.34
N ASN A 176 4.43 -5.80 -3.05
CA ASN A 176 3.38 -5.32 -3.93
C ASN A 176 3.78 -4.08 -4.72
N VAL A 177 5.06 -3.74 -4.73
CA VAL A 177 5.54 -2.61 -5.51
C VAL A 177 6.59 -3.16 -6.47
N MET A 178 6.18 -3.34 -7.72
CA MET A 178 7.09 -3.84 -8.74
C MET A 178 7.93 -2.69 -9.25
N ILE A 179 9.25 -2.89 -9.26
CA ILE A 179 10.20 -1.88 -9.71
C ILE A 179 11.12 -2.51 -10.74
N ASP A 180 11.04 -1.99 -11.96
CA ASP A 180 12.01 -2.27 -13.01
C ASP A 180 13.09 -1.20 -12.86
N HIS A 181 14.20 -1.56 -12.23
CA HIS A 181 15.24 -0.59 -11.91
C HIS A 181 16.07 -0.24 -13.13
N GLN A 182 15.93 -0.98 -14.23
CA GLN A 182 16.62 -0.63 -15.46
C GLN A 182 15.84 0.43 -16.25
N GLN A 183 14.52 0.24 -16.41
CA GLN A 183 13.69 1.20 -17.11
C GLN A 183 13.11 2.27 -16.19
N LYS A 184 13.37 2.19 -14.88
CA LYS A 184 12.81 3.12 -13.90
C LYS A 184 11.28 3.18 -13.99
N LYS A 185 10.67 2.00 -13.94
CA LYS A 185 9.23 1.86 -13.98
C LYS A 185 8.79 1.25 -12.66
N LEU A 186 7.69 1.76 -12.12
CA LEU A 186 7.13 1.29 -10.87
C LEU A 186 5.64 1.03 -11.05
N ARG A 187 5.15 -0.09 -10.52
CA ARG A 187 3.74 -0.38 -10.52
C ARG A 187 3.30 -0.92 -9.17
N LEU A 188 2.18 -0.41 -8.68
CA LEU A 188 1.52 -0.94 -7.49
C LEU A 188 0.57 -2.05 -7.91
N ILE A 189 0.82 -3.26 -7.38
CA ILE A 189 0.09 -4.47 -7.73
C ILE A 189 -0.72 -4.98 -6.55
N ASP A 190 -1.46 -6.04 -6.82
CA ASP A 190 -2.27 -6.83 -5.89
C ASP A 190 -3.31 -6.00 -5.16
N TRP A 191 -4.40 -5.76 -5.88
CA TRP A 191 -5.55 -5.01 -5.42
C TRP A 191 -6.60 -5.93 -4.80
N GLY A 192 -6.23 -7.15 -4.43
CA GLY A 192 -7.16 -8.10 -3.86
C GLY A 192 -7.65 -7.78 -2.47
N LEU A 193 -6.94 -6.92 -1.71
CA LEU A 193 -7.42 -6.46 -0.41
C LEU A 193 -8.02 -5.06 -0.46
N ALA A 194 -7.98 -4.42 -1.61
CA ALA A 194 -8.43 -3.04 -1.72
C ALA A 194 -9.94 -2.94 -1.47
N GLU A 195 -10.35 -1.77 -0.98
CA GLU A 195 -11.75 -1.53 -0.66
C GLU A 195 -12.12 -0.10 -0.97
N PHE A 196 -13.41 0.11 -1.16
CA PHE A 196 -13.97 1.45 -1.33
C PHE A 196 -14.13 2.11 0.03
N TYR A 197 -13.72 3.37 0.13
CA TYR A 197 -13.88 4.17 1.34
C TYR A 197 -15.24 4.86 1.36
N HIS A 198 -15.98 4.67 2.45
CA HIS A 198 -17.25 5.34 2.69
C HIS A 198 -17.16 5.91 4.09
N PRO A 199 -17.48 7.19 4.30
CA PRO A 199 -17.32 7.78 5.63
C PRO A 199 -18.13 7.05 6.68
N ALA A 200 -17.51 6.84 7.83
CA ALA A 200 -18.11 6.20 8.99
C ALA A 200 -18.19 4.69 8.84
N GLN A 201 -17.81 4.12 7.70
CA GLN A 201 -17.87 2.68 7.55
C GLN A 201 -16.79 2.02 8.41
N GLU A 202 -17.14 0.92 9.06
CA GLU A 202 -16.18 0.15 9.83
C GLU A 202 -15.63 -0.97 8.94
N TYR A 203 -14.32 -1.08 8.92
CA TYR A 203 -13.61 -2.01 8.05
C TYR A 203 -12.91 -3.07 8.88
N ASN A 204 -12.65 -4.20 8.24
CA ASN A 204 -11.92 -5.28 8.88
C ASN A 204 -10.47 -4.85 9.10
N VAL A 205 -9.97 -5.04 10.33
CA VAL A 205 -8.58 -4.68 10.62
C VAL A 205 -7.60 -5.75 10.20
N ARG A 206 -8.07 -6.91 9.75
CA ARG A 206 -7.19 -8.00 9.29
C ARG A 206 -6.84 -7.78 7.82
N VAL A 207 -6.10 -6.70 7.58
CA VAL A 207 -5.61 -6.32 6.28
C VAL A 207 -4.15 -5.93 6.45
N ALA A 208 -3.47 -5.75 5.32
CA ALA A 208 -2.05 -5.42 5.25
C ALA A 208 -1.17 -6.53 5.84
N SER A 209 0.11 -6.49 5.52
CA SER A 209 0.99 -7.47 6.10
CA SER A 209 1.12 -7.41 6.04
C SER A 209 1.58 -6.90 7.39
N ARG A 210 1.87 -7.80 8.32
CA ARG A 210 2.25 -7.43 9.68
C ARG A 210 3.13 -6.19 9.76
N TYR A 211 4.25 -6.18 9.04
CA TYR A 211 5.25 -5.13 9.23
C TYR A 211 4.77 -3.78 8.73
N PHE A 212 3.69 -3.75 7.97
CA PHE A 212 3.17 -2.56 7.31
C PHE A 212 1.80 -2.16 7.85
N LYS A 213 1.32 -2.85 8.88
CA LYS A 213 0.04 -2.53 9.49
C LYS A 213 0.15 -1.25 10.30
N GLY A 214 -0.77 -0.31 10.07
CA GLY A 214 -0.80 0.89 10.86
C GLY A 214 -1.24 0.60 12.28
N PRO A 215 -0.88 1.49 13.20
CA PRO A 215 -1.32 1.30 14.60
C PRO A 215 -2.82 1.16 14.74
N GLU A 216 -3.60 1.85 13.91
CA GLU A 216 -5.05 1.71 13.97
C GLU A 216 -5.48 0.25 13.83
N LEU A 217 -4.84 -0.50 12.93
CA LEU A 217 -5.21 -1.91 12.76
C LEU A 217 -4.81 -2.70 13.99
N LEU A 218 -3.63 -2.39 14.53
CA LEU A 218 -3.07 -3.15 15.63
C LEU A 218 -3.86 -2.94 16.92
N VAL A 219 -4.57 -1.83 17.04
CA VAL A 219 -5.41 -1.57 18.21
C VAL A 219 -6.89 -1.78 17.89
N ASP A 220 -7.20 -2.43 16.75
CA ASP A 220 -8.57 -2.85 16.43
C ASP A 220 -9.50 -1.67 16.22
N TYR A 221 -8.98 -0.60 15.63
CA TYR A 221 -9.80 0.56 15.29
C TYR A 221 -10.27 0.40 13.84
N GLN A 222 -11.57 0.21 13.68
CA GLN A 222 -12.15 -0.18 12.39
C GLN A 222 -12.51 1.01 11.49
N MET A 223 -12.60 2.22 12.04
N MET A 223 -12.52 2.22 12.05
CA MET A 223 -13.05 3.36 11.24
CA MET A 223 -12.97 3.43 11.36
C MET A 223 -11.87 4.09 10.61
C MET A 223 -11.83 4.10 10.63
N TYR A 224 -11.05 3.32 9.88
CA TYR A 224 -9.85 3.81 9.24
C TYR A 224 -10.14 4.28 7.81
N ASP A 225 -9.11 4.79 7.14
CA ASP A 225 -9.31 5.38 5.82
C ASP A 225 -8.02 5.24 4.99
N TYR A 226 -7.94 6.02 3.89
CA TYR A 226 -6.78 6.04 3.00
C TYR A 226 -5.47 6.19 3.76
N SER A 227 -5.49 6.88 4.90
CA SER A 227 -4.28 7.15 5.67
C SER A 227 -3.60 5.86 6.13
N LEU A 228 -4.29 4.74 6.16
CA LEU A 228 -3.63 3.46 6.44
C LEU A 228 -2.50 3.22 5.46
N ASP A 229 -2.75 3.51 4.18
CA ASP A 229 -1.76 3.29 3.14
C ASP A 229 -0.55 4.21 3.31
N MET A 230 -0.77 5.40 3.89
CA MET A 230 0.30 6.35 4.13
C MET A 230 1.21 5.90 5.27
N TRP A 231 0.67 5.22 6.29
CA TRP A 231 1.53 4.54 7.26
C TRP A 231 2.43 3.52 6.56
N SER A 232 1.83 2.66 5.74
CA SER A 232 2.61 1.64 5.06
C SER A 232 3.68 2.25 4.18
N LEU A 233 3.35 3.33 3.46
CA LEU A 233 4.32 4.03 2.65
C LEU A 233 5.44 4.56 3.53
N GLY A 234 5.10 5.16 4.66
CA GLY A 234 6.12 5.63 5.59
C GLY A 234 7.06 4.52 6.04
N CYS A 235 6.51 3.33 6.29
CA CYS A 235 7.36 2.19 6.66
C CYS A 235 8.35 1.88 5.55
N MET A 236 7.89 1.92 4.29
CA MET A 236 8.77 1.69 3.17
C MET A 236 9.84 2.77 3.07
N LEU A 237 9.45 4.05 3.22
CA LEU A 237 10.43 5.13 3.17
C LEU A 237 11.50 4.95 4.24
N ALA A 238 11.07 4.63 5.47
CA ALA A 238 12.03 4.41 6.56
C ALA A 238 13.01 3.29 6.20
N SER A 239 12.49 2.20 5.63
CA SER A 239 13.37 1.08 5.30
C SER A 239 14.38 1.46 4.23
N MET A 240 14.00 2.34 3.32
CA MET A 240 14.90 2.73 2.25
C MET A 240 15.96 3.71 2.73
N ILE A 241 15.56 4.77 3.44
CA ILE A 241 16.56 5.75 3.86
C ILE A 241 17.47 5.21 4.97
N PHE A 242 16.96 4.31 5.82
CA PHE A 242 17.76 3.80 6.91
C PHE A 242 18.39 2.45 6.62
N ARG A 243 17.96 1.74 5.58
N ARG A 243 17.89 1.74 5.59
CA ARG A 243 18.48 0.41 5.25
CA ARG A 243 18.35 0.43 5.12
C ARG A 243 18.24 -0.57 6.39
C ARG A 243 17.99 -0.73 6.07
N ARG A 244 17.04 -0.50 6.97
CA ARG A 244 16.54 -1.53 7.88
C ARG A 244 15.20 -1.99 7.31
N GLU A 245 15.16 -3.19 6.75
CA GLU A 245 14.00 -3.68 6.02
C GLU A 245 13.62 -5.04 6.58
N PRO A 246 12.37 -5.24 7.05
CA PRO A 246 11.38 -4.19 7.30
C PRO A 246 11.82 -3.31 8.46
N PHE A 247 11.27 -2.10 8.51
CA PHE A 247 11.70 -1.14 9.52
C PHE A 247 11.20 -1.51 10.91
N PHE A 248 9.93 -1.91 11.02
CA PHE A 248 9.32 -2.35 12.27
C PHE A 248 9.07 -3.85 12.15
N HIS A 249 9.88 -4.66 12.82
CA HIS A 249 9.93 -6.10 12.57
C HIS A 249 9.30 -6.88 13.72
N GLY A 250 7.98 -6.80 13.83
CA GLY A 250 7.30 -7.51 14.91
C GLY A 250 7.29 -9.01 14.72
N GLN A 251 7.23 -9.73 15.84
CA GLN A 251 7.12 -11.18 15.83
C GLN A 251 5.67 -11.66 15.67
N ASP A 252 4.71 -10.82 16.00
CA ASP A 252 3.28 -11.09 15.88
C ASP A 252 2.61 -9.73 15.90
N ASN A 253 1.28 -9.70 15.80
CA ASN A 253 0.60 -8.41 15.75
C ASN A 253 0.73 -7.62 17.04
N TYR A 254 0.83 -8.31 18.18
CA TYR A 254 1.04 -7.61 19.45
C TYR A 254 2.42 -6.99 19.47
N ASP A 255 3.45 -7.80 19.21
CA ASP A 255 4.80 -7.30 19.21
C ASP A 255 5.00 -6.21 18.16
N GLN A 256 4.25 -6.25 17.05
CA GLN A 256 4.35 -5.20 16.05
C GLN A 256 4.07 -3.84 16.67
N LEU A 257 3.01 -3.73 17.49
CA LEU A 257 2.73 -2.45 18.12
C LEU A 257 3.82 -2.07 19.11
N VAL A 258 4.35 -3.04 19.86
CA VAL A 258 5.46 -2.76 20.78
C VAL A 258 6.64 -2.16 20.02
N ARG A 259 6.99 -2.75 18.87
CA ARG A 259 8.11 -2.22 18.08
C ARG A 259 7.85 -0.79 17.66
N ILE A 260 6.62 -0.48 17.28
CA ILE A 260 6.27 0.89 16.91
C ILE A 260 6.41 1.79 18.12
N ALA A 261 5.87 1.37 19.28
CA ALA A 261 5.86 2.23 20.45
C ALA A 261 7.26 2.48 20.99
N LYS A 262 8.21 1.58 20.75
CA LYS A 262 9.58 1.81 21.16
C LYS A 262 10.23 2.93 20.36
N VAL A 263 9.64 3.34 19.24
CA VAL A 263 10.11 4.47 18.45
C VAL A 263 9.25 5.70 18.67
N LEU A 264 7.93 5.55 18.52
N LEU A 264 7.93 5.56 18.51
CA LEU A 264 7.02 6.69 18.58
CA LEU A 264 7.06 6.73 18.60
C LEU A 264 6.65 7.07 20.00
C LEU A 264 6.67 7.09 20.02
N GLY A 265 6.88 6.19 20.98
CA GLY A 265 6.60 6.49 22.38
C GLY A 265 5.29 5.94 22.92
N THR A 266 5.27 5.53 24.19
CA THR A 266 4.07 4.95 24.78
C THR A 266 3.07 6.02 25.23
N GLU A 267 3.53 7.10 25.85
CA GLU A 267 2.58 8.16 26.21
C GLU A 267 1.88 8.70 24.98
N GLU A 268 2.63 8.80 23.88
CA GLU A 268 2.07 9.27 22.63
C GLU A 268 1.01 8.30 22.10
N LEU A 269 1.25 7.00 22.24
CA LEU A 269 0.23 6.01 21.90
C LEU A 269 -1.04 6.25 22.72
N TYR A 270 -0.89 6.43 24.04
CA TYR A 270 -2.08 6.56 24.88
C TYR A 270 -2.88 7.81 24.54
N GLY A 271 -2.21 8.89 24.14
CA GLY A 271 -2.94 10.08 23.73
C GLY A 271 -3.75 9.85 22.47
N TYR A 272 -3.19 9.08 21.54
CA TYR A 272 -3.92 8.69 20.34
C TYR A 272 -5.15 7.88 20.70
N LEU A 273 -4.97 6.86 21.54
CA LEU A 273 -6.11 6.02 21.93
C LEU A 273 -7.19 6.86 22.60
N LYS A 274 -6.79 7.78 23.46
CA LYS A 274 -7.76 8.59 24.18
C LYS A 274 -8.55 9.47 23.23
N LYS A 275 -7.86 10.06 22.25
CA LYS A 275 -8.52 10.96 21.30
C LYS A 275 -9.65 10.27 20.56
N TYR A 276 -9.44 9.01 20.18
CA TYR A 276 -10.40 8.26 19.37
C TYR A 276 -11.21 7.28 20.20
N HIS A 277 -11.10 7.34 21.52
CA HIS A 277 -11.87 6.48 22.41
C HIS A 277 -11.63 5.00 22.09
N ILE A 278 -10.37 4.65 21.87
CA ILE A 278 -10.02 3.30 21.41
C ILE A 278 -9.76 2.44 22.62
N ASP A 279 -10.36 1.26 22.64
CA ASP A 279 -10.13 0.28 23.70
C ASP A 279 -8.94 -0.59 23.35
N LEU A 280 -8.01 -0.70 24.29
CA LEU A 280 -6.78 -1.45 24.11
C LEU A 280 -6.91 -2.85 24.70
N ASP A 281 -6.67 -3.86 23.87
CA ASP A 281 -6.67 -5.25 24.31
C ASP A 281 -5.74 -5.38 25.52
N PRO A 282 -6.22 -5.90 26.66
CA PRO A 282 -5.41 -5.90 27.88
C PRO A 282 -4.16 -6.74 27.79
N HIS A 283 -4.02 -7.60 26.78
CA HIS A 283 -2.74 -8.30 26.65
C HIS A 283 -1.58 -7.34 26.41
N PHE A 284 -1.84 -6.15 25.88
CA PHE A 284 -0.77 -5.18 25.71
C PHE A 284 -0.21 -4.70 27.05
N ASN A 285 -0.97 -4.84 28.13
CA ASN A 285 -0.53 -4.31 29.42
C ASN A 285 0.79 -4.92 29.85
N ASP A 286 1.01 -6.18 29.51
CA ASP A 286 2.17 -6.91 29.99
C ASP A 286 3.38 -6.75 29.09
N ILE A 287 3.24 -6.10 27.93
CA ILE A 287 4.32 -6.10 26.94
C ILE A 287 4.71 -4.71 26.45
N LEU A 288 3.89 -3.66 26.59
CA LEU A 288 4.25 -2.36 26.02
C LEU A 288 5.38 -1.67 26.75
N GLY A 289 5.47 -1.85 28.07
CA GLY A 289 6.46 -1.12 28.83
C GLY A 289 6.28 0.39 28.76
N GLN A 290 7.39 1.09 28.97
N GLN A 290 7.39 1.10 29.01
CA GLN A 290 7.42 2.54 28.96
CA GLN A 290 7.43 2.56 29.02
C GLN A 290 8.54 2.95 28.03
C GLN A 290 8.55 3.03 28.10
N HIS A 291 8.21 3.79 27.05
CA HIS A 291 9.21 4.21 26.08
C HIS A 291 9.02 5.66 25.68
N SER A 292 10.12 6.40 25.71
CA SER A 292 10.17 7.76 25.20
CA SER A 292 10.10 7.77 25.21
C SER A 292 10.07 7.76 23.69
N ARG A 293 9.51 8.83 23.14
CA ARG A 293 9.59 9.03 21.69
C ARG A 293 11.04 9.27 21.30
N LYS A 294 11.50 8.59 20.26
CA LYS A 294 12.86 8.68 19.80
C LYS A 294 12.99 9.69 18.68
N ARG A 295 14.13 10.37 18.65
CA ARG A 295 14.50 11.20 17.51
C ARG A 295 14.84 10.31 16.32
N TRP A 296 14.34 10.69 15.14
CA TRP A 296 14.57 9.90 13.93
C TRP A 296 16.06 9.87 13.58
N GLU A 297 16.81 10.89 14.00
CA GLU A 297 18.25 10.89 13.81
C GLU A 297 18.95 9.71 14.48
N ASN A 298 18.30 9.09 15.47
CA ASN A 298 18.90 7.93 16.15
C ASN A 298 19.15 6.77 15.21
N PHE A 299 18.50 6.74 14.06
CA PHE A 299 18.62 5.63 13.13
C PHE A 299 19.71 5.85 12.10
N ILE A 300 20.37 7.02 12.12
CA ILE A 300 21.46 7.32 11.20
C ILE A 300 22.74 6.69 11.69
N HIS A 301 23.48 6.09 10.78
CA HIS A 301 24.84 5.66 11.06
C HIS A 301 25.61 5.67 9.75
N SER A 302 26.88 5.24 9.80
CA SER A 302 27.73 5.47 8.65
C SER A 302 27.21 4.80 7.40
N GLU A 303 26.48 3.68 7.54
CA GLU A 303 26.00 2.93 6.38
C GLU A 303 24.83 3.59 5.65
N ASN A 304 24.07 4.48 6.30
CA ASN A 304 22.91 5.08 5.66
C ASN A 304 22.97 6.61 5.63
N ARG A 305 24.07 7.22 6.09
CA ARG A 305 24.04 8.66 6.31
C ARG A 305 23.80 9.44 5.02
N HIS A 306 24.30 8.92 3.90
CA HIS A 306 24.18 9.61 2.62
C HIS A 306 22.75 9.61 2.09
N LEU A 307 21.83 8.87 2.71
CA LEU A 307 20.45 8.81 2.26
C LEU A 307 19.53 9.67 3.11
N VAL A 308 20.02 10.24 4.21
CA VAL A 308 19.18 10.85 5.23
C VAL A 308 19.46 12.34 5.28
N SER A 309 18.54 13.13 4.78
CA SER A 309 18.58 14.58 4.81
C SER A 309 17.58 15.11 5.81
N PRO A 310 17.67 16.40 6.16
CA PRO A 310 16.59 16.98 6.99
C PRO A 310 15.23 16.81 6.36
N GLU A 311 15.15 16.96 5.03
CA GLU A 311 13.88 16.82 4.34
C GLU A 311 13.33 15.41 4.49
N ALA A 312 14.17 14.39 4.35
CA ALA A 312 13.72 13.02 4.49
C ALA A 312 13.15 12.79 5.88
N LEU A 313 13.85 13.30 6.91
CA LEU A 313 13.38 13.07 8.28
C LEU A 313 12.09 13.81 8.57
N ASP A 314 11.95 15.02 8.04
CA ASP A 314 10.72 15.78 8.25
C ASP A 314 9.54 15.08 7.61
N LEU A 315 9.71 14.60 6.37
CA LEU A 315 8.65 13.86 5.71
C LEU A 315 8.31 12.60 6.50
N LEU A 316 9.33 11.83 6.89
CA LEU A 316 9.06 10.58 7.59
C LEU A 316 8.31 10.83 8.87
N ASP A 317 8.70 11.87 9.60
CA ASP A 317 8.05 12.19 10.87
C ASP A 317 6.58 12.50 10.69
N LYS A 318 6.19 12.99 9.52
CA LYS A 318 4.82 13.36 9.23
C LYS A 318 4.00 12.23 8.64
N LEU A 319 4.63 11.09 8.32
CA LEU A 319 3.96 9.88 7.86
C LEU A 319 3.80 8.86 8.98
N LEU A 320 4.89 8.59 9.71
CA LEU A 320 4.87 7.61 10.79
C LEU A 320 4.40 8.31 12.08
N ARG A 321 3.10 8.60 12.10
N ARG A 321 3.11 8.62 12.08
CA ARG A 321 2.44 9.18 13.26
CA ARG A 321 2.39 9.21 13.20
C ARG A 321 1.29 8.27 13.65
C ARG A 321 1.31 8.21 13.64
N TYR A 322 1.08 8.10 14.95
CA TYR A 322 -0.05 7.31 15.42
C TYR A 322 -1.35 7.84 14.83
N ASP A 323 -1.56 9.15 14.90
CA ASP A 323 -2.84 9.75 14.57
C ASP A 323 -3.03 9.73 13.06
N HIS A 324 -3.82 8.77 12.60
CA HIS A 324 -4.03 8.57 11.18
C HIS A 324 -4.52 9.84 10.50
N GLN A 325 -5.31 10.66 11.21
N GLN A 325 -5.32 10.62 11.20
CA GLN A 325 -5.83 11.89 10.64
CA GLN A 325 -5.87 11.82 10.60
C GLN A 325 -4.74 12.91 10.36
C GLN A 325 -4.87 12.96 10.53
N GLN A 326 -3.69 12.95 11.17
N GLN A 326 -3.73 12.85 11.20
CA GLN A 326 -2.68 13.96 11.01
CA GLN A 326 -2.67 13.85 11.13
C GLN A 326 -1.50 13.51 10.16
C GLN A 326 -1.58 13.50 10.14
N ARG A 327 -1.50 12.25 9.69
CA ARG A 327 -0.53 11.87 8.69
C ARG A 327 -0.75 12.68 7.42
N LEU A 328 0.32 12.92 6.69
CA LEU A 328 0.16 13.55 5.39
C LEU A 328 -0.68 12.66 4.47
N THR A 329 -1.49 13.29 3.65
CA THR A 329 -2.12 12.62 2.53
C THR A 329 -1.05 12.31 1.47
N ALA A 330 -1.40 11.47 0.50
CA ALA A 330 -0.45 11.18 -0.56
C ALA A 330 -0.07 12.45 -1.31
N LYS A 331 -1.05 13.31 -1.57
CA LYS A 331 -0.79 14.58 -2.25
C LYS A 331 0.11 15.49 -1.41
N GLU A 332 -0.21 15.63 -0.12
CA GLU A 332 0.65 16.46 0.74
C GLU A 332 2.07 15.93 0.76
N ALA A 333 2.24 14.60 0.78
CA ALA A 333 3.57 14.02 0.75
C ALA A 333 4.26 14.36 -0.57
N MET A 334 3.57 14.20 -1.69
CA MET A 334 4.15 14.56 -2.99
C MET A 334 4.60 16.00 -3.06
N GLU A 335 3.92 16.89 -2.33
N GLU A 335 3.91 16.89 -2.34
CA GLU A 335 4.22 18.31 -2.32
CA GLU A 335 4.24 18.32 -2.36
C GLU A 335 5.37 18.66 -1.38
C GLU A 335 5.36 18.67 -1.39
N HIS A 336 5.85 17.72 -0.59
CA HIS A 336 6.87 17.99 0.40
C HIS A 336 8.20 18.32 -0.30
N PRO A 337 9.02 19.20 0.30
CA PRO A 337 10.32 19.52 -0.29
C PRO A 337 11.22 18.34 -0.61
N TYR A 338 11.11 17.22 0.12
CA TYR A 338 11.93 16.04 -0.19
C TYR A 338 11.86 15.68 -1.66
N PHE A 339 10.71 15.89 -2.30
CA PHE A 339 10.55 15.50 -3.70
C PHE A 339 10.88 16.61 -4.68
N TYR A 340 11.26 17.80 -4.22
CA TYR A 340 11.59 18.86 -5.16
C TYR A 340 12.62 18.44 -6.20
N PRO A 341 13.70 17.74 -5.85
CA PRO A 341 14.66 17.32 -6.90
C PRO A 341 14.03 16.45 -7.97
N VAL A 342 13.04 15.64 -7.60
CA VAL A 342 12.37 14.77 -8.56
C VAL A 342 11.48 15.60 -9.48
N VAL A 343 10.69 16.49 -8.90
CA VAL A 343 9.83 17.36 -9.69
C VAL A 343 10.65 18.18 -10.67
N LYS A 344 11.77 18.74 -10.20
CA LYS A 344 12.61 19.54 -11.08
C LYS A 344 13.13 18.71 -12.25
N GLU A 345 13.54 17.47 -11.97
CA GLU A 345 14.00 16.58 -13.03
C GLU A 345 12.87 16.22 -13.99
N GLN A 346 11.66 16.01 -13.48
N GLN A 346 11.66 16.01 -13.45
CA GLN A 346 10.53 15.75 -14.36
CA GLN A 346 10.49 15.78 -14.28
C GLN A 346 9.96 17.03 -14.96
C GLN A 346 10.22 16.97 -15.20
N SER A 347 10.65 18.16 -14.78
CA SER A 347 10.35 19.43 -15.47
C SER A 347 9.45 19.36 -16.69
#